data_6YKF
#
_entry.id   6YKF
#
_cell.length_a   129.000
_cell.length_b   129.000
_cell.length_c   110.911
_cell.angle_alpha   90.000
_cell.angle_beta   90.000
_cell.angle_gamma   120.000
#
_symmetry.space_group_name_H-M   'P 62 2 2'
#
loop_
_entity.id
_entity.type
_entity.pdbx_description
1 polymer 'HNH endonuclease'
2 polymer "DNA (5'-D(*CP*AP*(5CM)P*AP*G)-3')"
3 non-polymer 'SULFATE ION'
4 non-polymer GLYCEROL
5 non-polymer 'CHLORIDE ION'
6 water water
#
loop_
_entity_poly.entity_id
_entity_poly.type
_entity_poly.pdbx_seq_one_letter_code
_entity_poly.pdbx_strand_id
1 'polypeptide(L)'
;MNYWWVSQKQTFKQEFEGGYMWSPKENKNGTQSHYYNNMTLVQPGDVVFSFANGLILSVGIARSHAYSYNKPTEFGVAGA
DWANDGWKIDLEYHLVENKIRPKAHIDFIRPYLPQKYSPLQDNGNGNQAYLFSVPHELASKVVELIGSEAEEVIFGFADT
TEITTTADAIECQISNDASIDETEKHQLVKSRRGQGIFRSRLEQVESRCRVTGVQLKNHLIASHIKPWAVSNNQERLDGH
NGLLLAPHVDHLFDKGFISFEDNGEMIVSEKLNLDVLKAWSISQGNYGYFSKQQQEYMCYHRENVFKKL
;
A
2 'polydeoxyribonucleotide' (DC)(DA)(5CM)(DA)(DG) B
#
# COMPACT_ATOMS: atom_id res chain seq x y z
N MET A 1 2.43 6.20 4.80
CA MET A 1 1.85 4.92 5.35
C MET A 1 2.39 4.74 6.77
N ASN A 2 1.53 4.34 7.71
N ASN A 2 1.51 4.35 7.70
CA ASN A 2 1.93 4.14 9.12
CA ASN A 2 1.83 4.14 9.13
C ASN A 2 1.89 2.66 9.45
C ASN A 2 1.93 2.63 9.41
N TYR A 3 2.68 2.27 10.44
CA TYR A 3 2.71 0.89 10.99
C TYR A 3 2.09 0.92 12.38
N TRP A 4 1.42 -0.18 12.71
CA TRP A 4 0.72 -0.38 13.99
C TRP A 4 1.05 -1.77 14.53
N TRP A 5 0.92 -1.91 15.83
CA TRP A 5 1.04 -3.19 16.55
C TRP A 5 -0.27 -3.39 17.30
N VAL A 6 -0.98 -4.47 17.01
CA VAL A 6 -2.25 -4.77 17.71
C VAL A 6 -2.04 -6.03 18.54
N SER A 7 -2.28 -5.90 19.84
CA SER A 7 -2.10 -7.02 20.80
C SER A 7 -3.45 -7.70 21.00
N GLN A 8 -3.53 -8.97 20.61
CA GLN A 8 -4.84 -9.65 20.46
C GLN A 8 -4.83 -10.97 21.22
N LYS A 9 -4.13 -11.07 22.36
CA LYS A 9 -4.03 -12.40 23.02
C LYS A 9 -5.42 -12.89 23.42
N GLN A 10 -6.33 -11.99 23.83
CA GLN A 10 -7.64 -12.42 24.38
C GLN A 10 -8.57 -12.88 23.26
N THR A 11 -8.50 -12.28 22.07
CA THR A 11 -9.56 -12.47 21.04
C THR A 11 -8.99 -12.71 19.63
N PHE A 12 -7.72 -13.08 19.46
CA PHE A 12 -7.10 -13.20 18.12
C PHE A 12 -7.99 -14.00 17.17
N LYS A 13 -8.42 -15.19 17.55
N LYS A 13 -8.44 -15.18 17.57
CA LYS A 13 -9.11 -16.10 16.59
CA LYS A 13 -9.23 -16.07 16.66
C LYS A 13 -10.38 -15.40 16.08
C LYS A 13 -10.44 -15.28 16.14
N GLN A 14 -11.15 -14.75 16.96
N GLN A 14 -11.24 -14.70 17.05
CA GLN A 14 -12.40 -14.05 16.55
CA GLN A 14 -12.46 -13.94 16.67
C GLN A 14 -12.05 -12.89 15.60
C GLN A 14 -12.11 -12.84 15.68
N GLU A 15 -11.02 -12.10 15.91
CA GLU A 15 -10.69 -10.90 15.11
C GLU A 15 -10.18 -11.32 13.74
N PHE A 16 -9.34 -12.36 13.70
CA PHE A 16 -8.82 -12.96 12.45
C PHE A 16 -10.00 -13.51 11.64
N GLU A 17 -10.84 -14.36 12.23
CA GLU A 17 -11.93 -15.01 11.46
C GLU A 17 -12.92 -13.98 10.92
N GLY A 18 -13.11 -12.86 11.64
CA GLY A 18 -14.03 -11.79 11.25
C GLY A 18 -13.38 -10.74 10.36
N GLY A 19 -12.06 -10.76 10.19
CA GLY A 19 -11.33 -9.76 9.40
C GLY A 19 -11.44 -8.37 9.98
N TYR A 20 -11.29 -8.21 11.30
CA TYR A 20 -11.44 -6.90 11.94
C TYR A 20 -10.48 -6.70 13.11
N MET A 21 -10.36 -5.42 13.49
N MET A 21 -10.35 -5.43 13.50
CA MET A 21 -9.91 -4.97 14.82
CA MET A 21 -9.89 -5.00 14.84
C MET A 21 -11.13 -4.36 15.53
C MET A 21 -11.06 -4.29 15.53
N TRP A 22 -11.17 -4.43 16.85
CA TRP A 22 -12.27 -3.79 17.62
C TRP A 22 -11.72 -3.39 18.97
N SER A 23 -12.03 -2.18 19.40
CA SER A 23 -11.78 -1.73 20.79
C SER A 23 -12.99 -0.96 21.27
N PRO A 24 -13.13 -0.81 22.60
CA PRO A 24 -14.06 0.20 23.13
C PRO A 24 -13.59 1.59 22.70
N LYS A 25 -14.49 2.58 22.76
N LYS A 25 -14.48 2.59 22.77
CA LYS A 25 -14.13 4.00 22.51
CA LYS A 25 -14.11 4.00 22.52
C LYS A 25 -13.41 4.56 23.74
C LYS A 25 -13.42 4.58 23.75
N GLU A 26 -13.77 4.12 24.94
CA GLU A 26 -13.24 4.64 26.22
C GLU A 26 -12.95 3.49 27.17
N ASN A 27 -12.15 3.76 28.19
CA ASN A 27 -11.92 2.81 29.30
C ASN A 27 -13.28 2.55 29.97
N LYS A 28 -13.35 1.48 30.76
N LYS A 28 -13.37 1.48 30.76
CA LYS A 28 -14.60 1.00 31.42
CA LYS A 28 -14.64 1.05 31.38
C LYS A 28 -15.19 2.13 32.29
C LYS A 28 -15.20 2.20 32.24
N ASN A 29 -14.34 2.96 32.91
CA ASN A 29 -14.76 4.06 33.81
C ASN A 29 -15.09 5.35 33.03
N GLY A 30 -15.09 5.31 31.69
CA GLY A 30 -15.47 6.45 30.86
C GLY A 30 -14.30 7.36 30.53
N THR A 31 -13.09 7.06 31.02
CA THR A 31 -11.90 7.89 30.76
C THR A 31 -11.35 7.60 29.37
N GLN A 32 -10.66 8.58 28.78
CA GLN A 32 -10.00 8.46 27.46
C GLN A 32 -8.84 7.45 27.56
N SER A 33 -8.63 6.70 26.49
CA SER A 33 -7.49 5.77 26.29
C SER A 33 -6.67 6.25 25.08
N HIS A 34 -5.36 6.44 25.25
CA HIS A 34 -4.46 6.73 24.13
C HIS A 34 -4.56 5.59 23.11
N TYR A 35 -4.66 4.36 23.61
CA TYR A 35 -4.61 3.14 22.76
C TYR A 35 -5.90 3.05 21.95
N TYR A 36 -7.05 3.24 22.57
CA TYR A 36 -8.34 3.21 21.84
C TYR A 36 -8.41 4.40 20.88
N ASN A 37 -7.89 5.57 21.28
CA ASN A 37 -7.88 6.76 20.40
C ASN A 37 -7.02 6.48 19.17
N ASN A 38 -6.00 5.62 19.27
CA ASN A 38 -5.19 5.21 18.09
C ASN A 38 -6.08 4.60 17.01
N MET A 39 -7.21 3.99 17.37
CA MET A 39 -8.10 3.38 16.34
C MET A 39 -8.54 4.46 15.33
N THR A 40 -8.73 5.69 15.80
CA THR A 40 -9.25 6.81 14.97
C THR A 40 -8.14 7.39 14.09
N LEU A 41 -6.89 6.96 14.26
CA LEU A 41 -5.73 7.44 13.47
C LEU A 41 -5.36 6.46 12.35
N VAL A 42 -5.82 5.22 12.43
CA VAL A 42 -5.49 4.20 11.39
C VAL A 42 -6.09 4.63 10.05
N GLN A 43 -5.28 4.59 8.99
CA GLN A 43 -5.70 4.90 7.61
C GLN A 43 -5.72 3.62 6.78
N PRO A 44 -6.65 3.49 5.82
CA PRO A 44 -6.57 2.43 4.82
C PRO A 44 -5.16 2.36 4.22
N GLY A 45 -4.64 1.14 4.14
CA GLY A 45 -3.29 0.85 3.63
C GLY A 45 -2.25 0.77 4.72
N ASP A 46 -2.59 1.20 5.95
CA ASP A 46 -1.61 1.08 7.06
C ASP A 46 -1.36 -0.40 7.35
N VAL A 47 -0.15 -0.71 7.78
CA VAL A 47 0.27 -2.11 8.07
C VAL A 47 0.13 -2.34 9.57
N VAL A 48 -0.48 -3.45 9.93
CA VAL A 48 -0.78 -3.80 11.34
C VAL A 48 -0.20 -5.17 11.66
N PHE A 49 0.77 -5.22 12.55
CA PHE A 49 1.32 -6.49 13.08
C PHE A 49 0.39 -7.01 14.17
N SER A 50 -0.12 -8.23 14.02
CA SER A 50 -0.92 -8.93 15.04
C SER A 50 0.01 -9.66 16.00
N PHE A 51 -0.09 -9.34 17.28
CA PHE A 51 0.72 -9.96 18.36
C PHE A 51 -0.19 -10.72 19.32
N ALA A 52 -0.02 -12.04 19.42
CA ALA A 52 -0.86 -12.89 20.28
C ALA A 52 -0.06 -14.11 20.75
N ASN A 53 -0.19 -14.47 22.02
CA ASN A 53 0.53 -15.61 22.63
C ASN A 53 2.03 -15.44 22.39
N GLY A 54 2.52 -14.19 22.45
CA GLY A 54 3.95 -13.85 22.39
C GLY A 54 4.51 -13.88 20.98
N LEU A 55 3.68 -14.07 19.96
CA LEU A 55 4.14 -14.23 18.56
C LEU A 55 3.48 -13.20 17.66
N ILE A 56 4.17 -12.81 16.58
N ILE A 56 4.20 -12.80 16.61
CA ILE A 56 3.53 -12.00 15.51
CA ILE A 56 3.60 -12.04 15.47
C ILE A 56 2.96 -12.94 14.45
C ILE A 56 2.95 -13.05 14.53
N LEU A 57 1.63 -12.96 14.34
CA LEU A 57 0.88 -13.98 13.57
C LEU A 57 0.44 -13.48 12.20
N SER A 58 0.36 -12.18 12.01
CA SER A 58 -0.16 -11.59 10.75
C SER A 58 0.52 -10.26 10.52
N VAL A 59 0.74 -9.97 9.24
CA VAL A 59 1.08 -8.63 8.73
C VAL A 59 -0.15 -8.18 7.93
N GLY A 60 -1.02 -7.40 8.55
CA GLY A 60 -2.33 -7.04 8.00
C GLY A 60 -2.31 -5.68 7.33
N ILE A 61 -3.28 -5.46 6.46
CA ILE A 61 -3.48 -4.15 5.78
C ILE A 61 -4.85 -3.60 6.20
N ALA A 62 -4.89 -2.42 6.81
CA ALA A 62 -6.18 -1.74 7.15
C ALA A 62 -6.93 -1.44 5.86
N ARG A 63 -8.24 -1.74 5.83
CA ARG A 63 -9.08 -1.50 4.64
C ARG A 63 -10.20 -0.52 4.96
N SER A 64 -10.26 0.03 6.17
CA SER A 64 -11.25 1.08 6.52
C SER A 64 -10.63 2.03 7.53
N HIS A 65 -11.21 3.20 7.69
CA HIS A 65 -11.08 4.00 8.93
C HIS A 65 -11.89 3.31 10.03
N ALA A 66 -11.66 3.67 11.28
CA ALA A 66 -12.48 3.21 12.41
C ALA A 66 -13.93 3.65 12.17
N TYR A 67 -14.87 2.76 12.43
CA TYR A 67 -16.33 3.09 12.39
C TYR A 67 -16.95 2.63 13.70
N SER A 68 -17.92 3.39 14.20
N SER A 68 -17.96 3.36 14.15
CA SER A 68 -18.68 3.06 15.44
CA SER A 68 -18.70 3.07 15.41
C SER A 68 -19.30 1.68 15.26
C SER A 68 -19.38 1.71 15.29
N TYR A 69 -19.12 0.79 16.22
CA TYR A 69 -19.68 -0.57 16.15
C TYR A 69 -19.69 -1.20 17.52
N ASN A 70 -20.74 -1.99 17.77
N ASN A 70 -20.74 -1.99 17.76
CA ASN A 70 -20.91 -2.72 19.04
CA ASN A 70 -20.97 -2.77 19.00
C ASN A 70 -19.81 -3.78 19.17
C ASN A 70 -19.87 -3.82 19.18
N LYS A 71 -19.44 -4.05 20.41
CA LYS A 71 -18.55 -5.17 20.76
C LYS A 71 -19.06 -6.45 20.11
N PRO A 72 -18.19 -7.20 19.40
CA PRO A 72 -18.57 -8.48 18.81
C PRO A 72 -19.14 -9.43 19.86
N THR A 73 -20.32 -9.98 19.61
N THR A 73 -20.31 -9.98 19.57
CA THR A 73 -20.97 -10.94 20.54
CA THR A 73 -21.03 -10.95 20.43
C THR A 73 -20.07 -12.16 20.69
C THR A 73 -20.18 -12.21 20.62
N GLU A 74 -19.32 -12.54 19.64
CA GLU A 74 -18.50 -13.78 19.68
C GLU A 74 -17.34 -13.66 20.68
N PHE A 75 -17.06 -12.48 21.24
CA PHE A 75 -16.03 -12.35 22.30
C PHE A 75 -16.46 -13.12 23.54
N GLY A 76 -17.74 -13.08 23.89
CA GLY A 76 -18.23 -13.76 25.10
C GLY A 76 -17.46 -13.33 26.34
N VAL A 77 -17.20 -14.27 27.24
N VAL A 77 -17.20 -14.25 27.26
CA VAL A 77 -16.61 -14.01 28.58
CA VAL A 77 -16.65 -13.86 28.60
C VAL A 77 -15.24 -13.33 28.45
C VAL A 77 -15.22 -13.34 28.48
N ALA A 78 -14.49 -13.69 27.40
CA ALA A 78 -13.13 -13.17 27.13
C ALA A 78 -13.20 -11.66 26.91
N GLY A 79 -14.36 -11.11 26.52
CA GLY A 79 -14.51 -9.65 26.28
C GLY A 79 -15.41 -8.97 27.30
N ALA A 80 -15.75 -9.64 28.40
CA ALA A 80 -16.84 -9.24 29.32
C ALA A 80 -16.68 -7.80 29.80
N ASP A 81 -15.46 -7.39 30.18
CA ASP A 81 -15.17 -6.11 30.87
C ASP A 81 -15.09 -4.92 29.90
N TRP A 82 -15.10 -5.14 28.58
CA TRP A 82 -15.04 -4.02 27.62
C TRP A 82 -16.43 -3.43 27.41
N ALA A 83 -16.50 -2.10 27.34
CA ALA A 83 -17.76 -1.37 27.03
C ALA A 83 -18.27 -1.84 25.67
N ASN A 84 -19.58 -1.83 25.49
CA ASN A 84 -20.20 -2.25 24.20
C ASN A 84 -19.96 -1.19 23.12
N ASP A 85 -19.89 0.08 23.48
CA ASP A 85 -19.71 1.19 22.51
C ASP A 85 -18.25 1.19 22.03
N GLY A 86 -17.99 0.81 20.78
CA GLY A 86 -16.62 0.62 20.30
C GLY A 86 -16.34 1.17 18.92
N TRP A 87 -15.10 0.96 18.50
CA TRP A 87 -14.56 1.25 17.15
C TRP A 87 -14.24 -0.08 16.49
N LYS A 88 -14.60 -0.20 15.20
CA LYS A 88 -14.22 -1.37 14.38
C LYS A 88 -13.39 -0.87 13.19
N ILE A 89 -12.38 -1.66 12.82
CA ILE A 89 -11.61 -1.44 11.56
C ILE A 89 -11.62 -2.75 10.80
N ASP A 90 -11.86 -2.69 9.49
CA ASP A 90 -11.75 -3.88 8.62
C ASP A 90 -10.27 -4.08 8.33
N LEU A 91 -9.72 -5.19 8.79
CA LEU A 91 -8.27 -5.51 8.69
C LEU A 91 -8.09 -6.73 7.79
N GLU A 92 -7.40 -6.57 6.68
CA GLU A 92 -7.08 -7.66 5.73
C GLU A 92 -5.89 -8.43 6.30
N TYR A 93 -6.16 -9.52 7.00
CA TYR A 93 -5.10 -10.35 7.63
C TYR A 93 -4.27 -11.06 6.55
N HIS A 94 -2.98 -11.19 6.79
CA HIS A 94 -2.07 -12.05 5.99
C HIS A 94 -1.26 -12.87 6.98
N LEU A 95 -1.65 -14.11 7.19
CA LEU A 95 -0.95 -15.00 8.15
C LEU A 95 0.47 -15.21 7.63
N VAL A 96 1.42 -15.27 8.54
CA VAL A 96 2.84 -15.54 8.19
C VAL A 96 3.25 -16.93 8.67
N GLU A 97 4.10 -17.60 7.91
N GLU A 97 4.05 -17.62 7.86
CA GLU A 97 4.67 -18.92 8.27
CA GLU A 97 4.74 -18.89 8.20
C GLU A 97 5.73 -18.71 9.37
C GLU A 97 5.66 -18.65 9.39
N ASN A 98 6.55 -17.67 9.26
CA ASN A 98 7.57 -17.35 10.29
C ASN A 98 6.88 -16.48 11.33
N LYS A 99 6.41 -17.09 12.41
N LYS A 99 6.42 -17.10 12.42
CA LYS A 99 5.76 -16.42 13.56
CA LYS A 99 5.77 -16.42 13.57
C LYS A 99 6.87 -16.02 14.55
C LYS A 99 6.87 -16.02 14.55
N ILE A 100 7.41 -14.81 14.42
CA ILE A 100 8.55 -14.37 15.26
C ILE A 100 8.06 -14.19 16.70
N ARG A 101 8.95 -14.51 17.65
CA ARG A 101 8.74 -14.26 19.09
C ARG A 101 9.56 -13.03 19.47
N PRO A 102 8.98 -11.82 19.51
CA PRO A 102 9.79 -10.61 19.71
C PRO A 102 10.70 -10.69 20.95
N LYS A 103 10.26 -11.34 22.03
CA LYS A 103 11.09 -11.41 23.25
C LYS A 103 12.42 -12.09 22.94
N ALA A 104 12.43 -13.07 22.03
CA ALA A 104 13.66 -13.83 21.64
C ALA A 104 14.61 -12.95 20.84
N HIS A 105 14.18 -11.74 20.46
CA HIS A 105 14.96 -10.82 19.59
C HIS A 105 15.12 -9.46 20.28
N ILE A 106 14.91 -9.37 21.59
CA ILE A 106 14.80 -8.04 22.26
C ILE A 106 16.13 -7.27 22.14
N ASP A 107 17.28 -7.95 22.16
CA ASP A 107 18.58 -7.23 22.05
C ASP A 107 18.63 -6.50 20.70
N PHE A 108 18.10 -7.12 19.64
CA PHE A 108 18.09 -6.56 18.27
C PHE A 108 17.11 -5.38 18.17
N ILE A 109 15.92 -5.46 18.76
N ILE A 109 15.95 -5.52 18.81
CA ILE A 109 14.87 -4.40 18.51
CA ILE A 109 14.75 -4.64 18.70
C ILE A 109 14.85 -3.35 19.64
C ILE A 109 14.91 -3.40 19.61
N ARG A 110 15.40 -3.64 20.83
CA ARG A 110 15.31 -2.69 21.98
C ARG A 110 15.69 -1.26 21.58
N PRO A 111 16.80 -1.01 20.83
CA PRO A 111 17.20 0.36 20.51
C PRO A 111 16.14 1.15 19.73
N TYR A 112 15.20 0.44 19.08
CA TYR A 112 14.22 1.03 18.12
C TYR A 112 12.84 1.15 18.76
N LEU A 113 12.67 0.71 20.01
CA LEU A 113 11.39 0.87 20.74
C LEU A 113 11.17 2.36 21.02
N PRO A 114 9.94 2.89 20.89
CA PRO A 114 9.69 4.29 21.20
C PRO A 114 9.77 4.51 22.72
N GLN A 115 10.06 5.75 23.12
N GLN A 115 10.09 5.74 23.13
CA GLN A 115 10.17 6.17 24.54
CA GLN A 115 10.23 6.11 24.56
C GLN A 115 8.81 6.07 25.21
C GLN A 115 8.87 6.00 25.26
N LYS A 116 7.74 6.45 24.51
N LYS A 116 7.79 6.35 24.56
CA LYS A 116 6.35 6.45 25.04
CA LYS A 116 6.42 6.36 25.14
C LYS A 116 5.52 5.41 24.30
C LYS A 116 5.52 5.42 24.32
N TYR A 117 4.60 4.74 25.01
CA TYR A 117 3.55 3.87 24.39
C TYR A 117 4.21 2.77 23.58
N SER A 118 5.28 2.17 24.08
CA SER A 118 5.97 1.03 23.41
C SER A 118 5.09 -0.21 23.53
N PRO A 119 4.98 -1.04 22.47
CA PRO A 119 4.29 -2.32 22.59
C PRO A 119 5.04 -3.34 23.47
N LEU A 120 6.35 -3.14 23.65
CA LEU A 120 7.23 -4.04 24.43
C LEU A 120 7.94 -3.26 25.54
N GLN A 121 8.14 -3.94 26.67
CA GLN A 121 9.00 -3.48 27.77
C GLN A 121 10.46 -3.71 27.38
N ASP A 122 11.42 -3.15 28.12
CA ASP A 122 12.85 -3.30 27.75
C ASP A 122 13.30 -4.76 27.90
N ASN A 123 12.60 -5.58 28.71
CA ASN A 123 12.93 -7.02 28.88
C ASN A 123 12.28 -7.86 27.77
N GLY A 124 11.52 -7.24 26.85
CA GLY A 124 10.91 -7.94 25.72
C GLY A 124 9.50 -8.44 26.02
N ASN A 125 9.04 -8.34 27.26
CA ASN A 125 7.62 -8.69 27.58
C ASN A 125 6.70 -7.65 26.93
N GLY A 126 5.56 -8.10 26.40
CA GLY A 126 4.53 -7.20 25.88
C GLY A 126 3.91 -6.33 26.98
N ASN A 127 3.51 -5.11 26.63
CA ASN A 127 2.69 -4.22 27.49
C ASN A 127 1.22 -4.56 27.32
N GLN A 128 0.45 -4.50 28.41
CA GLN A 128 -0.98 -4.84 28.39
C GLN A 128 -1.79 -3.63 27.89
N ALA A 129 -2.00 -3.56 26.58
CA ALA A 129 -2.85 -2.55 25.92
C ALA A 129 -3.10 -3.02 24.49
N TYR A 130 -4.02 -2.40 23.79
CA TYR A 130 -4.53 -2.95 22.50
C TYR A 130 -3.70 -2.50 21.30
N LEU A 131 -3.56 -1.20 21.07
CA LEU A 131 -3.07 -0.70 19.76
C LEU A 131 -1.98 0.33 19.96
N PHE A 132 -0.81 0.08 19.36
CA PHE A 132 0.40 0.92 19.51
C PHE A 132 0.88 1.39 18.14
N SER A 133 1.27 2.65 18.04
CA SER A 133 2.02 3.16 16.88
C SER A 133 3.39 2.49 16.83
N VAL A 134 3.83 2.06 15.66
CA VAL A 134 5.17 1.45 15.44
C VAL A 134 5.99 2.41 14.60
N PRO A 135 7.10 2.99 15.13
CA PRO A 135 7.96 3.83 14.31
C PRO A 135 8.51 3.06 13.11
N HIS A 136 8.79 3.77 12.02
CA HIS A 136 9.23 3.15 10.74
C HIS A 136 10.50 2.33 10.94
N GLU A 137 11.44 2.81 11.76
N GLU A 137 11.45 2.84 11.75
CA GLU A 137 12.73 2.10 11.97
CA GLU A 137 12.72 2.13 12.01
C GLU A 137 12.47 0.79 12.72
C GLU A 137 12.44 0.80 12.70
N LEU A 138 11.60 0.80 13.74
CA LEU A 138 11.20 -0.44 14.45
C LEU A 138 10.53 -1.39 13.45
N ALA A 139 9.63 -0.87 12.61
CA ALA A 139 8.90 -1.70 11.62
C ALA A 139 9.92 -2.40 10.71
N SER A 140 10.97 -1.71 10.27
CA SER A 140 11.95 -2.29 9.31
C SER A 140 12.70 -3.45 9.99
N LYS A 141 12.98 -3.34 11.31
N LYS A 141 12.99 -3.32 11.29
CA LYS A 141 13.66 -4.42 12.06
CA LYS A 141 13.65 -4.39 12.09
C LYS A 141 12.72 -5.66 12.10
C LYS A 141 12.72 -5.64 12.02
N VAL A 142 11.46 -5.42 12.52
CA VAL A 142 10.45 -6.52 12.60
C VAL A 142 10.34 -7.21 11.23
N VAL A 143 10.29 -6.43 10.15
CA VAL A 143 10.19 -7.00 8.78
C VAL A 143 11.44 -7.82 8.43
N GLU A 144 12.63 -7.36 8.86
N GLU A 144 12.64 -7.38 8.86
CA GLU A 144 13.91 -8.10 8.69
CA GLU A 144 13.91 -8.14 8.65
C GLU A 144 13.82 -9.47 9.38
C GLU A 144 13.85 -9.48 9.39
N LEU A 145 13.27 -9.52 10.60
CA LEU A 145 13.18 -10.78 11.35
C LEU A 145 12.15 -11.73 10.73
N ILE A 146 11.01 -11.22 10.24
CA ILE A 146 9.95 -12.11 9.68
C ILE A 146 10.44 -12.67 8.34
N GLY A 147 10.99 -11.82 7.49
CA GLY A 147 11.51 -12.23 6.18
C GLY A 147 10.63 -11.81 5.02
N SER A 148 10.81 -12.45 3.87
N SER A 148 10.81 -12.46 3.88
CA SER A 148 10.21 -12.05 2.57
CA SER A 148 10.23 -12.06 2.57
C SER A 148 8.70 -11.87 2.72
C SER A 148 8.70 -11.90 2.67
N GLU A 149 8.01 -12.77 3.40
CA GLU A 149 6.52 -12.74 3.43
C GLU A 149 6.03 -11.40 3.99
N ALA A 150 6.72 -10.77 4.92
CA ALA A 150 6.33 -9.43 5.46
C ALA A 150 6.57 -8.35 4.40
N GLU A 151 7.71 -8.40 3.71
N GLU A 151 7.71 -8.40 3.71
CA GLU A 151 8.04 -7.44 2.62
CA GLU A 151 8.05 -7.45 2.62
C GLU A 151 6.95 -7.54 1.54
C GLU A 151 6.98 -7.54 1.52
N GLU A 152 6.48 -8.75 1.26
CA GLU A 152 5.49 -8.99 0.17
C GLU A 152 4.16 -8.28 0.49
N VAL A 153 3.80 -8.15 1.76
CA VAL A 153 2.54 -7.46 2.14
C VAL A 153 2.70 -5.94 1.92
N ILE A 154 3.91 -5.41 2.07
CA ILE A 154 4.13 -3.94 2.15
C ILE A 154 4.42 -3.36 0.76
N PHE A 155 5.48 -3.83 0.10
CA PHE A 155 6.09 -3.11 -1.05
C PHE A 155 5.31 -3.40 -2.34
N GLY A 156 4.70 -2.36 -2.89
CA GLY A 156 3.81 -2.47 -4.07
C GLY A 156 2.49 -3.14 -3.74
N PHE A 157 2.12 -3.19 -2.46
CA PHE A 157 0.84 -3.80 -2.02
C PHE A 157 0.22 -2.83 -1.00
N ALA A 158 0.47 -2.99 0.29
CA ALA A 158 -0.06 -2.06 1.32
C ALA A 158 0.30 -0.61 0.96
N ASP A 159 1.53 -0.36 0.52
CA ASP A 159 2.02 1.04 0.34
C ASP A 159 1.42 1.67 -0.93
N THR A 160 0.64 0.94 -1.74
CA THR A 160 -0.07 1.54 -2.91
C THR A 160 -1.39 2.19 -2.47
N THR A 161 -1.96 1.80 -1.33
CA THR A 161 -3.35 2.20 -0.98
C THR A 161 -3.41 3.72 -0.77
N GLU A 162 -2.44 4.31 -0.08
CA GLU A 162 -2.48 5.78 0.21
C GLU A 162 -2.37 6.54 -1.13
N ILE A 163 -1.72 5.96 -2.14
CA ILE A 163 -1.59 6.59 -3.48
C ILE A 163 -2.98 6.62 -4.13
N THR A 164 -3.68 5.48 -4.10
CA THR A 164 -5.08 5.36 -4.59
C THR A 164 -5.98 6.36 -3.86
N THR A 165 -5.86 6.48 -2.53
CA THR A 165 -6.66 7.44 -1.73
C THR A 165 -6.43 8.86 -2.24
N THR A 166 -5.17 9.25 -2.42
CA THR A 166 -4.78 10.59 -2.94
C THR A 166 -5.44 10.80 -4.30
N ALA A 167 -5.32 9.82 -5.21
CA ALA A 167 -5.84 9.92 -6.58
C ALA A 167 -7.38 10.05 -6.56
N ASP A 168 -8.06 9.30 -5.70
CA ASP A 168 -9.53 9.38 -5.51
C ASP A 168 -9.93 10.81 -5.12
N ALA A 169 -9.19 11.44 -4.21
CA ALA A 169 -9.46 12.80 -3.72
C ALA A 169 -9.28 13.80 -4.87
N ILE A 170 -8.25 13.60 -5.69
CA ILE A 170 -7.96 14.49 -6.85
C ILE A 170 -9.11 14.37 -7.85
N GLU A 171 -9.61 13.15 -8.08
CA GLU A 171 -10.73 12.90 -9.02
C GLU A 171 -11.96 13.70 -8.55
N CYS A 172 -12.21 13.71 -7.23
N CYS A 172 -12.20 13.72 -7.22
CA CYS A 172 -13.30 14.52 -6.60
CA CYS A 172 -13.29 14.50 -6.57
C CYS A 172 -13.06 16.01 -6.84
C CYS A 172 -13.07 16.00 -6.77
N GLN A 173 -11.82 16.48 -6.64
CA GLN A 173 -11.45 17.91 -6.86
C GLN A 173 -11.75 18.29 -8.31
N ILE A 174 -11.37 17.44 -9.27
CA ILE A 174 -11.57 17.71 -10.73
C ILE A 174 -13.07 17.83 -11.01
N SER A 175 -13.86 16.89 -10.52
CA SER A 175 -15.33 16.82 -10.75
C SER A 175 -16.01 18.10 -10.26
N ASN A 176 -15.41 18.84 -9.31
CA ASN A 176 -16.00 20.03 -8.64
C ASN A 176 -15.28 21.33 -9.02
N ASP A 177 -14.31 21.30 -9.94
CA ASP A 177 -13.45 22.46 -10.30
C ASP A 177 -14.17 23.31 -11.37
N ALA A 178 -14.57 24.53 -11.02
CA ALA A 178 -15.37 25.43 -11.90
C ALA A 178 -14.51 26.05 -13.01
N SER A 179 -13.18 26.02 -12.88
CA SER A 179 -12.23 26.59 -13.88
C SER A 179 -12.08 25.69 -15.11
N ILE A 180 -12.62 24.47 -15.10
N ILE A 180 -12.69 24.49 -15.07
CA ILE A 180 -12.52 23.57 -16.29
CA ILE A 180 -12.59 23.40 -16.08
C ILE A 180 -13.91 23.15 -16.75
C ILE A 180 -13.96 23.16 -16.73
N ASP A 181 -14.03 22.99 -18.06
CA ASP A 181 -15.31 22.70 -18.74
C ASP A 181 -15.63 21.21 -18.61
N GLU A 182 -16.87 20.85 -18.90
CA GLU A 182 -17.41 19.50 -18.66
C GLU A 182 -16.59 18.47 -19.46
N THR A 183 -16.26 18.77 -20.72
CA THR A 183 -15.48 17.82 -21.55
C THR A 183 -14.14 17.54 -20.89
N GLU A 184 -13.43 18.59 -20.46
N GLU A 184 -13.43 18.58 -20.44
CA GLU A 184 -12.11 18.44 -19.80
CA GLU A 184 -12.09 18.39 -19.83
C GLU A 184 -12.30 17.47 -18.61
C GLU A 184 -12.26 17.52 -18.56
N LYS A 185 -13.24 17.82 -17.69
N LYS A 185 -13.27 17.81 -17.72
CA LYS A 185 -13.49 16.97 -16.48
CA LYS A 185 -13.54 17.00 -16.50
C LYS A 185 -13.61 15.51 -16.93
C LYS A 185 -13.62 15.53 -16.92
N HIS A 186 -14.46 15.21 -17.90
CA HIS A 186 -14.66 13.81 -18.37
C HIS A 186 -13.34 13.21 -18.83
N GLN A 187 -12.55 13.95 -19.63
N GLN A 187 -12.60 13.96 -19.66
CA GLN A 187 -11.30 13.43 -20.23
CA GLN A 187 -11.30 13.55 -20.27
C GLN A 187 -10.25 13.22 -19.14
C GLN A 187 -10.30 13.23 -19.15
N LEU A 188 -10.17 14.13 -18.16
CA LEU A 188 -9.20 13.98 -17.05
C LEU A 188 -9.54 12.74 -16.23
N VAL A 189 -10.82 12.52 -15.93
CA VAL A 189 -11.25 11.35 -15.12
C VAL A 189 -10.98 10.05 -15.89
N LYS A 190 -11.30 10.01 -17.19
N LYS A 190 -11.29 10.00 -17.19
CA LYS A 190 -11.10 8.80 -18.03
CA LYS A 190 -11.10 8.78 -18.01
C LYS A 190 -9.61 8.49 -18.21
C LYS A 190 -9.60 8.49 -18.22
N SER A 191 -8.75 9.52 -18.25
CA SER A 191 -7.28 9.34 -18.44
C SER A 191 -6.68 8.59 -17.24
N ARG A 192 -7.26 8.72 -16.04
CA ARG A 192 -6.77 7.98 -14.85
C ARG A 192 -6.78 6.47 -15.11
N ARG A 193 -7.76 6.00 -15.89
N ARG A 193 -7.75 5.97 -15.87
CA ARG A 193 -7.99 4.56 -16.21
CA ARG A 193 -7.89 4.52 -16.17
C ARG A 193 -7.46 4.23 -17.61
C ARG A 193 -7.45 4.23 -17.61
N GLY A 194 -6.62 5.10 -18.20
CA GLY A 194 -6.05 4.88 -19.54
C GLY A 194 -7.11 4.87 -20.62
N GLN A 195 -8.15 5.68 -20.46
CA GLN A 195 -9.28 5.76 -21.42
C GLN A 195 -9.41 7.18 -21.95
N GLY A 196 -10.17 7.31 -23.03
CA GLY A 196 -10.53 8.61 -23.61
C GLY A 196 -9.42 9.15 -24.48
N ILE A 197 -9.35 10.47 -24.56
CA ILE A 197 -8.44 11.14 -25.54
C ILE A 197 -6.99 10.82 -25.20
N PHE A 198 -6.66 10.58 -23.93
CA PHE A 198 -5.28 10.17 -23.56
C PHE A 198 -4.88 8.90 -24.32
N ARG A 199 -5.74 7.88 -24.33
CA ARG A 199 -5.43 6.61 -25.01
C ARG A 199 -5.24 6.87 -26.50
N SER A 200 -6.15 7.61 -27.13
CA SER A 200 -6.06 7.88 -28.59
C SER A 200 -4.77 8.63 -28.88
N ARG A 201 -4.41 9.60 -28.05
CA ARG A 201 -3.17 10.40 -28.28
C ARG A 201 -1.95 9.49 -28.08
N LEU A 202 -1.97 8.62 -27.09
CA LEU A 202 -0.84 7.70 -26.85
C LEU A 202 -0.65 6.76 -28.05
N GLU A 203 -1.75 6.35 -28.68
CA GLU A 203 -1.72 5.43 -29.86
C GLU A 203 -1.09 6.10 -31.08
N GLN A 204 -0.98 7.43 -31.11
N GLN A 204 -0.96 7.43 -31.12
CA GLN A 204 -0.29 8.16 -32.20
CA GLN A 204 -0.29 8.13 -32.23
C GLN A 204 1.22 8.04 -32.02
C GLN A 204 1.21 8.26 -31.95
N VAL A 205 1.69 7.79 -30.79
CA VAL A 205 3.13 7.80 -30.40
C VAL A 205 3.66 6.37 -30.26
N GLU A 206 2.95 5.52 -29.51
CA GLU A 206 3.36 4.14 -29.20
C GLU A 206 2.39 3.18 -29.89
N SER A 207 2.86 1.97 -30.22
CA SER A 207 2.07 0.95 -30.96
C SER A 207 2.12 -0.45 -30.33
N ARG A 208 3.03 -0.67 -29.37
N ARG A 208 3.01 -0.67 -29.35
CA ARG A 208 3.27 -2.03 -28.81
CA ARG A 208 3.18 -2.02 -28.77
C ARG A 208 3.81 -1.93 -27.38
C ARG A 208 3.80 -1.93 -27.37
N CYS A 209 3.68 -3.01 -26.62
CA CYS A 209 4.35 -3.18 -25.32
C CYS A 209 5.85 -3.12 -25.57
N ARG A 210 6.53 -2.15 -24.93
N ARG A 210 6.57 -2.20 -24.91
CA ARG A 210 8.01 -1.95 -24.98
CA ARG A 210 8.03 -2.02 -25.15
C ARG A 210 8.70 -3.28 -24.72
C ARG A 210 8.81 -3.20 -24.59
N VAL A 211 8.24 -4.01 -23.70
CA VAL A 211 8.94 -5.18 -23.10
C VAL A 211 8.54 -6.47 -23.83
N THR A 212 7.26 -6.72 -24.06
CA THR A 212 6.79 -8.04 -24.59
C THR A 212 6.52 -7.99 -26.10
N GLY A 213 6.43 -6.78 -26.69
CA GLY A 213 6.25 -6.59 -28.14
C GLY A 213 4.82 -6.80 -28.60
N VAL A 214 3.89 -7.12 -27.70
CA VAL A 214 2.47 -7.35 -28.08
C VAL A 214 1.91 -6.04 -28.65
N GLN A 215 1.25 -6.14 -29.82
N GLN A 215 1.26 -6.09 -29.83
CA GLN A 215 0.68 -4.98 -30.58
CA GLN A 215 0.67 -4.88 -30.45
C GLN A 215 -0.85 -4.93 -30.40
C GLN A 215 -0.86 -5.00 -30.54
N LEU A 216 -1.46 -6.00 -29.88
CA LEU A 216 -2.93 -6.18 -29.88
C LEU A 216 -3.55 -5.26 -28.83
N LYS A 217 -4.45 -4.38 -29.25
N LYS A 217 -4.44 -4.36 -29.26
CA LYS A 217 -4.99 -3.27 -28.42
CA LYS A 217 -5.00 -3.26 -28.43
C LYS A 217 -5.69 -3.84 -27.19
C LYS A 217 -5.71 -3.83 -27.19
N ASN A 218 -6.34 -4.99 -27.32
CA ASN A 218 -7.15 -5.62 -26.23
C ASN A 218 -6.25 -6.30 -25.20
N HIS A 219 -4.94 -6.31 -25.37
CA HIS A 219 -3.97 -6.93 -24.41
C HIS A 219 -2.98 -5.89 -23.89
N LEU A 220 -3.29 -4.62 -24.08
CA LEU A 220 -2.38 -3.51 -23.71
C LEU A 220 -3.11 -2.53 -22.80
N ILE A 221 -2.40 -2.06 -21.76
N ILE A 221 -2.39 -2.01 -21.80
CA ILE A 221 -2.80 -0.98 -20.82
CA ILE A 221 -2.90 -0.96 -20.89
C ILE A 221 -2.18 0.33 -21.32
C ILE A 221 -2.18 0.35 -21.21
N ALA A 222 -2.95 1.42 -21.34
CA ALA A 222 -2.43 2.80 -21.56
C ALA A 222 -2.00 3.33 -20.20
N SER A 223 -0.71 3.24 -19.92
N SER A 223 -0.73 3.16 -19.88
CA SER A 223 -0.09 3.63 -18.63
CA SER A 223 -0.09 3.62 -18.62
C SER A 223 0.50 5.04 -18.75
C SER A 223 0.34 5.08 -18.80
N HIS A 224 0.35 5.87 -17.72
CA HIS A 224 1.07 7.17 -17.63
C HIS A 224 2.53 6.87 -17.29
N ILE A 225 3.45 7.73 -17.69
CA ILE A 225 4.87 7.63 -17.24
C ILE A 225 5.00 8.42 -15.93
N LYS A 226 4.79 9.73 -15.99
CA LYS A 226 4.59 10.55 -14.78
C LYS A 226 3.18 10.26 -14.28
N PRO A 227 3.02 9.75 -13.03
CA PRO A 227 1.71 9.26 -12.59
C PRO A 227 0.59 10.30 -12.73
N TRP A 228 -0.61 9.83 -13.00
CA TRP A 228 -1.81 10.68 -13.18
C TRP A 228 -1.98 11.62 -11.96
N ALA A 229 -1.78 11.12 -10.75
CA ALA A 229 -2.01 11.87 -9.49
C ALA A 229 -1.13 13.12 -9.42
N VAL A 230 0.12 13.05 -9.88
CA VAL A 230 1.10 14.17 -9.75
C VAL A 230 1.23 14.95 -11.07
N SER A 231 0.64 14.46 -12.16
CA SER A 231 0.61 15.17 -13.46
C SER A 231 -0.34 16.37 -13.35
N ASN A 232 -0.02 17.48 -14.01
CA ASN A 232 -0.97 18.61 -14.21
C ASN A 232 -1.96 18.19 -15.30
N ASN A 233 -2.97 19.01 -15.57
CA ASN A 233 -4.08 18.62 -16.48
C ASN A 233 -3.54 18.43 -17.90
N GLN A 234 -2.55 19.23 -18.33
CA GLN A 234 -1.91 19.06 -19.67
C GLN A 234 -1.18 17.70 -19.70
N GLU A 235 -0.41 17.38 -18.67
CA GLU A 235 0.40 16.14 -18.61
C GLU A 235 -0.52 14.91 -18.55
N ARG A 236 -1.70 15.04 -17.93
CA ARG A 236 -2.68 13.92 -17.77
C ARG A 236 -3.20 13.50 -19.15
N LEU A 237 -3.28 14.42 -20.11
CA LEU A 237 -3.86 14.13 -21.44
C LEU A 237 -2.78 14.10 -22.52
N ASP A 238 -1.51 14.13 -22.14
CA ASP A 238 -0.37 14.17 -23.09
C ASP A 238 -0.06 12.75 -23.57
N GLY A 239 -0.20 12.50 -24.88
CA GLY A 239 0.17 11.23 -25.53
C GLY A 239 1.63 10.86 -25.33
N HIS A 240 2.50 11.82 -25.02
CA HIS A 240 3.95 11.55 -24.76
C HIS A 240 4.18 11.19 -23.29
N ASN A 241 3.15 11.29 -22.43
CA ASN A 241 3.22 10.89 -21.01
C ASN A 241 2.60 9.50 -20.86
N GLY A 242 3.02 8.53 -21.66
CA GLY A 242 2.44 7.20 -21.55
C GLY A 242 3.22 6.12 -22.27
N LEU A 243 2.92 4.87 -21.92
CA LEU A 243 3.39 3.67 -22.63
C LEU A 243 2.21 2.72 -22.74
N LEU A 244 2.16 1.97 -23.83
CA LEU A 244 1.27 0.80 -23.95
C LEU A 244 2.04 -0.39 -23.38
N LEU A 245 1.49 -1.04 -22.36
CA LEU A 245 2.20 -2.12 -21.65
C LEU A 245 1.26 -3.32 -21.46
N ALA A 246 1.81 -4.52 -21.59
CA ALA A 246 1.12 -5.75 -21.18
C ALA A 246 0.79 -5.61 -19.69
N PRO A 247 -0.32 -6.22 -19.20
CA PRO A 247 -0.78 -5.98 -17.83
C PRO A 247 0.24 -6.28 -16.71
N HIS A 248 1.06 -7.30 -16.87
CA HIS A 248 2.11 -7.63 -15.87
C HIS A 248 3.23 -6.60 -15.92
N VAL A 249 3.56 -6.08 -17.11
CA VAL A 249 4.61 -5.04 -17.26
C VAL A 249 4.05 -3.72 -16.70
N ASP A 250 2.78 -3.42 -16.96
CA ASP A 250 2.09 -2.23 -16.38
C ASP A 250 2.19 -2.29 -14.86
N HIS A 251 1.91 -3.46 -14.28
CA HIS A 251 2.01 -3.70 -12.82
C HIS A 251 3.42 -3.35 -12.33
N LEU A 252 4.46 -3.88 -12.98
CA LEU A 252 5.85 -3.68 -12.52
C LEU A 252 6.24 -2.21 -12.66
N PHE A 253 5.85 -1.56 -13.76
CA PHE A 253 6.26 -0.17 -14.06
C PHE A 253 5.51 0.80 -13.15
N ASP A 254 4.19 0.66 -13.06
N ASP A 254 4.21 0.62 -12.99
CA ASP A 254 3.30 1.60 -12.33
CA ASP A 254 3.35 1.55 -12.21
C ASP A 254 3.70 1.69 -10.85
C ASP A 254 3.77 1.54 -10.74
N LYS A 255 4.18 0.57 -10.30
N LYS A 255 4.25 0.40 -10.22
CA LYS A 255 4.57 0.42 -8.87
CA LYS A 255 4.63 0.31 -8.79
C LYS A 255 6.05 0.75 -8.65
C LYS A 255 6.12 0.60 -8.61
N GLY A 256 6.85 0.84 -9.71
CA GLY A 256 8.27 1.22 -9.63
C GLY A 256 9.18 0.05 -9.34
N PHE A 257 8.72 -1.18 -9.59
CA PHE A 257 9.59 -2.39 -9.55
C PHE A 257 10.58 -2.35 -10.71
N ILE A 258 10.19 -1.71 -11.82
CA ILE A 258 11.11 -1.43 -12.97
C ILE A 258 10.96 0.04 -13.34
N SER A 259 11.96 0.55 -14.05
CA SER A 259 11.92 1.84 -14.76
C SER A 259 12.81 1.71 -15.99
N PHE A 260 13.07 2.80 -16.69
CA PHE A 260 13.90 2.80 -17.91
C PHE A 260 14.84 4.00 -17.90
N GLU A 261 16.07 3.78 -18.39
CA GLU A 261 17.01 4.86 -18.79
C GLU A 261 16.47 5.48 -20.07
N ASP A 262 16.92 6.70 -20.38
CA ASP A 262 16.50 7.48 -21.57
C ASP A 262 16.79 6.68 -22.86
N ASN A 263 17.82 5.84 -22.86
CA ASN A 263 18.24 5.02 -24.02
C ASN A 263 17.45 3.71 -24.10
N GLY A 264 16.52 3.46 -23.17
CA GLY A 264 15.64 2.28 -23.16
C GLY A 264 16.15 1.15 -22.30
N GLU A 265 17.27 1.32 -21.58
CA GLU A 265 17.81 0.25 -20.71
C GLU A 265 16.83 0.06 -19.54
N MET A 266 16.35 -1.18 -19.34
CA MET A 266 15.47 -1.49 -18.19
C MET A 266 16.30 -1.37 -16.90
N ILE A 267 15.74 -0.69 -15.90
CA ILE A 267 16.29 -0.57 -14.52
C ILE A 267 15.41 -1.45 -13.62
N VAL A 268 16.02 -2.36 -12.87
CA VAL A 268 15.30 -3.30 -11.97
C VAL A 268 15.55 -2.85 -10.52
N SER A 269 14.47 -2.66 -9.77
CA SER A 269 14.50 -2.27 -8.33
C SER A 269 15.11 -3.40 -7.49
N GLU A 270 15.79 -3.05 -6.40
CA GLU A 270 16.27 -4.01 -5.39
C GLU A 270 15.07 -4.68 -4.72
N LYS A 271 13.89 -4.04 -4.77
CA LYS A 271 12.63 -4.56 -4.18
C LYS A 271 11.93 -5.51 -5.13
N LEU A 272 12.42 -5.70 -6.36
CA LEU A 272 11.87 -6.72 -7.27
C LEU A 272 12.65 -8.03 -7.10
N ASN A 273 11.98 -9.05 -6.60
CA ASN A 273 12.49 -10.44 -6.58
C ASN A 273 12.69 -10.88 -8.03
N LEU A 274 13.93 -11.23 -8.40
N LEU A 274 13.93 -11.24 -8.39
CA LEU A 274 14.31 -11.59 -9.80
CA LEU A 274 14.31 -11.59 -9.80
C LEU A 274 13.60 -12.88 -10.23
C LEU A 274 13.61 -12.89 -10.23
N ASP A 275 13.06 -13.66 -9.29
CA ASP A 275 12.26 -14.88 -9.60
C ASP A 275 11.00 -14.49 -10.39
N VAL A 276 10.50 -13.27 -10.20
CA VAL A 276 9.31 -12.74 -10.93
C VAL A 276 9.65 -12.61 -12.42
N LEU A 277 10.80 -12.02 -12.74
CA LEU A 277 11.22 -11.85 -14.15
C LEU A 277 11.43 -13.22 -14.80
N LYS A 278 11.97 -14.18 -14.06
N LYS A 278 11.97 -14.19 -14.06
CA LYS A 278 12.21 -15.56 -14.58
CA LYS A 278 12.21 -15.57 -14.57
C LYS A 278 10.86 -16.25 -14.83
C LYS A 278 10.86 -16.25 -14.83
N ALA A 279 9.93 -16.16 -13.88
CA ALA A 279 8.60 -16.80 -13.96
C ALA A 279 7.80 -16.25 -15.15
N TRP A 280 7.97 -14.97 -15.47
CA TRP A 280 7.20 -14.28 -16.54
C TRP A 280 8.06 -14.11 -17.80
N SER A 281 9.27 -14.68 -17.83
CA SER A 281 10.18 -14.68 -19.01
C SER A 281 10.37 -13.26 -19.53
N ILE A 282 10.72 -12.33 -18.63
CA ILE A 282 11.10 -10.92 -18.95
C ILE A 282 12.61 -10.81 -18.77
N SER A 283 13.33 -10.43 -19.84
CA SER A 283 14.81 -10.31 -19.82
C SER A 283 15.19 -8.88 -19.44
N GLN A 284 16.28 -8.71 -18.69
CA GLN A 284 16.93 -7.38 -18.56
C GLN A 284 17.48 -7.02 -19.94
N GLY A 285 17.81 -5.75 -20.17
CA GLY A 285 18.40 -5.30 -21.43
C GLY A 285 17.73 -4.03 -21.93
N ASN A 286 17.86 -3.77 -23.23
CA ASN A 286 17.49 -2.47 -23.84
C ASN A 286 16.17 -2.60 -24.60
N TYR A 287 15.27 -1.65 -24.39
CA TYR A 287 13.88 -1.66 -24.92
C TYR A 287 13.63 -0.39 -25.75
N GLY A 288 14.68 0.15 -26.36
CA GLY A 288 14.61 1.19 -27.41
C GLY A 288 14.61 2.59 -26.82
N TYR A 289 15.21 3.55 -27.53
CA TYR A 289 15.28 4.97 -27.10
C TYR A 289 13.87 5.53 -26.91
N PHE A 290 13.71 6.43 -25.94
CA PHE A 290 12.50 7.27 -25.75
C PHE A 290 12.73 8.62 -26.42
N SER A 291 11.64 9.25 -26.85
CA SER A 291 11.63 10.62 -27.44
C SER A 291 12.00 11.61 -26.33
N LYS A 292 12.44 12.82 -26.69
N LYS A 292 12.43 12.82 -26.69
CA LYS A 292 12.85 13.86 -25.71
CA LYS A 292 12.85 13.84 -25.68
C LYS A 292 11.67 14.19 -24.78
C LYS A 292 11.67 14.20 -24.78
N GLN A 293 10.46 14.26 -25.34
CA GLN A 293 9.23 14.54 -24.55
C GLN A 293 9.00 13.40 -23.55
N GLN A 294 9.14 12.15 -23.99
CA GLN A 294 8.97 10.94 -23.13
C GLN A 294 10.06 10.94 -22.06
N GLN A 295 11.29 11.33 -22.41
CA GLN A 295 12.45 11.32 -21.49
C GLN A 295 12.20 12.22 -20.28
N GLU A 296 11.55 13.38 -20.49
N GLU A 296 11.55 13.37 -20.49
CA GLU A 296 11.21 14.35 -19.42
CA GLU A 296 11.23 14.34 -19.39
C GLU A 296 10.35 13.66 -18.35
C GLU A 296 10.36 13.64 -18.35
N TYR A 297 9.36 12.89 -18.81
CA TYR A 297 8.45 12.13 -17.91
C TYR A 297 9.20 10.95 -17.30
N MET A 298 10.03 10.25 -18.08
CA MET A 298 10.74 9.04 -17.60
C MET A 298 11.74 9.43 -16.51
N CYS A 299 12.32 10.63 -16.61
CA CYS A 299 13.20 11.20 -15.55
C CYS A 299 12.40 11.29 -14.25
N TYR A 300 11.17 11.83 -14.30
CA TYR A 300 10.29 11.93 -13.11
C TYR A 300 10.05 10.52 -12.54
N HIS A 301 9.78 9.53 -13.39
CA HIS A 301 9.52 8.13 -12.96
C HIS A 301 10.75 7.56 -12.25
N ARG A 302 11.94 7.69 -12.83
CA ARG A 302 13.19 7.16 -12.23
C ARG A 302 13.42 7.80 -10.86
N GLU A 303 13.11 9.09 -10.70
CA GLU A 303 13.49 9.89 -9.51
C GLU A 303 12.43 9.78 -8.40
N ASN A 304 11.19 9.38 -8.72
CA ASN A 304 10.05 9.52 -7.77
C ASN A 304 9.23 8.23 -7.65
N VAL A 305 9.12 7.41 -8.70
CA VAL A 305 8.26 6.20 -8.68
C VAL A 305 9.11 4.95 -8.48
N PHE A 306 10.21 4.82 -9.22
CA PHE A 306 11.15 3.68 -9.12
C PHE A 306 11.52 3.47 -7.65
N LYS A 307 11.45 2.22 -7.17
CA LYS A 307 11.73 1.88 -5.76
C LYS A 307 13.25 1.75 -5.54
N LYS A 308 13.82 2.62 -4.73
CA LYS A 308 15.26 2.50 -4.33
C LYS A 308 15.33 2.37 -2.81
N LEU A 309 16.38 1.69 -2.33
CA LEU A 309 16.61 1.39 -0.89
C LEU A 309 16.71 2.70 -0.11
#